data_4LZ1
#
_entry.id   4LZ1
#
_cell.length_a   42.892
_cell.length_b   44.484
_cell.length_c   52.643
_cell.angle_alpha   65.24
_cell.angle_beta   82.53
_cell.angle_gamma   63.72
#
_symmetry.space_group_name_H-M   'P 1'
#
loop_
_entity.id
_entity.type
_entity.pdbx_description
1 polymer 'Thrombin light chain'
2 polymer 'Thrombin heavy chain'
3 polymer 'Thrombin Binding Aptamer'
4 non-polymer D-phenylalanyl-N-[(2S,3S)-6-{[amino(iminio)methyl]amino}-1-chloro-2-hydroxyhexan-3-yl]-L-prolinamide
5 non-polymer 'POTASSIUM ION'
6 non-polymer 2-acetamido-2-deoxy-beta-D-glucopyranose
7 non-polymer 'SODIUM ION'
8 water water
#
loop_
_entity_poly.entity_id
_entity_poly.type
_entity_poly.pdbx_seq_one_letter_code
_entity_poly.pdbx_strand_id
1 'polypeptide(L)' TFGSGEADCGLRPLFEKKSLEDKTERELLESYIDGR L
2 'polypeptide(L)'
;IVEGSDAEIGMSPWQVMLFRKSPQELLCGASLISDRWVLTAAHCLLYPPWDKNFTENDLLVRIGKHSRTRYERNIEKISM
LEKIYIHPRYNWRENLDRDIALMKLKKPVAFSDYIHPVCLPDRETAASLLQAGYKGRVTGWGNLKETWTANVGKGQPSVL
QVVNLPIVERPVCKDSTRIRITDNMFCAGYKPDEGKRGDACEGDSGGPFVMKSPFNNRWYQMGIVSWGEGCDRDGKYGFY
THVFRLKKWIQKVIDQFGE
;
H
3 'polydeoxyribonucleotide' (DG)(DG)(DT)(DT)(DG)(DG)(DT)(DG)(DT)(DG)(DG)(3DR)(DT)(DG)(DG) D
#
loop_
_chem_comp.id
_chem_comp.type
_chem_comp.name
_chem_comp.formula
0G6 peptide-like D-phenylalanyl-N-[(2S,3S)-6-{[amino(iminio)methyl]amino}-1-chloro-2-hydroxyhexan-3-yl]-L-prolinamide 'C21 H34 Cl N6 O3 1'
3DR DNA linking 1',2'-DIDEOXYRIBOFURANOSE-5'-PHOSPHATE 'C5 H11 O6 P'
DG DNA linking 2'-DEOXYGUANOSINE-5'-MONOPHOSPHATE 'C10 H14 N5 O7 P'
DT DNA linking THYMIDINE-5'-MONOPHOSPHATE 'C10 H15 N2 O8 P'
K non-polymer 'POTASSIUM ION' 'K 1'
NA non-polymer 'SODIUM ION' 'Na 1'
NAG D-saccharide, beta linking 2-acetamido-2-deoxy-beta-D-glucopyranose 'C8 H15 N O6'
#
# COMPACT_ATOMS: atom_id res chain seq x y z
N ALA A 7 14.84 10.02 -6.31
CA ALA A 7 15.49 11.32 -5.88
C ALA A 7 14.65 12.19 -4.89
N ASP A 8 13.55 12.80 -5.36
CA ASP A 8 12.65 13.57 -4.49
C ASP A 8 11.44 12.67 -4.14
N CYS A 9 11.69 11.39 -3.95
CA CYS A 9 10.63 10.49 -3.51
C CYS A 9 10.00 11.08 -2.27
N GLY A 10 8.73 10.72 -2.13
CA GLY A 10 8.11 10.93 -0.83
C GLY A 10 7.73 12.35 -0.47
N LEU A 11 7.94 13.30 -1.39
CA LEU A 11 7.49 14.64 -1.23
C LEU A 11 6.40 15.03 -2.18
N ARG A 12 5.25 15.39 -1.61
CA ARG A 12 4.04 15.56 -2.44
C ARG A 12 3.97 16.99 -3.02
N PRO A 13 3.77 17.08 -4.30
CA PRO A 13 3.63 18.43 -4.89
C PRO A 13 2.58 19.35 -4.30
N LEU A 14 1.46 18.81 -3.85
CA LEU A 14 0.36 19.59 -3.35
C LEU A 14 0.42 19.78 -1.84
N PHE A 15 1.39 19.16 -1.21
CA PHE A 15 1.58 19.31 0.24
C PHE A 15 2.98 19.72 0.63
N GLU A 16 3.93 18.80 0.82
CA GLU A 16 5.28 19.13 1.19
C GLU A 16 5.87 20.25 0.33
N LYS A 17 5.62 20.16 -0.97
CA LYS A 17 6.39 21.04 -1.86
C LYS A 17 5.87 22.45 -1.70
N LYS A 18 4.59 22.60 -1.31
CA LYS A 18 3.92 23.88 -1.04
C LYS A 18 3.80 24.30 0.42
N SER A 19 4.54 23.66 1.29
CA SER A 19 4.53 23.83 2.71
C SER A 19 3.13 23.78 3.24
N LEU A 20 2.33 22.81 2.74
CA LEU A 20 0.97 22.62 3.23
C LEU A 20 0.83 21.26 3.89
N GLU A 21 0.08 21.22 4.98
CA GLU A 21 -0.21 19.96 5.69
C GLU A 21 -1.50 19.39 5.23
N ASP A 22 -1.56 18.05 5.04
CA ASP A 22 -2.84 17.45 4.84
C ASP A 22 -3.68 17.39 6.12
N LYS A 23 -4.91 16.95 6.04
CA LYS A 23 -5.82 17.10 7.17
C LYS A 23 -5.59 16.19 8.37
N THR A 24 -4.89 15.06 8.21
CA THR A 24 -4.62 14.13 9.30
C THR A 24 -3.20 13.77 9.56
N GLU A 25 -2.22 14.33 8.83
CA GLU A 25 -0.87 13.97 9.03
C GLU A 25 -0.33 14.33 10.45
N ARG A 26 -0.93 15.36 11.06
CA ARG A 26 -0.54 15.69 12.42
C ARG A 26 -0.77 14.51 13.38
N GLU A 27 -1.76 13.67 13.11
CA GLU A 27 -2.01 12.45 13.95
C GLU A 27 -0.80 11.54 13.92
N LEU A 28 -0.17 11.42 12.72
CA LEU A 28 0.94 10.60 12.56
C LEU A 28 2.10 11.14 13.41
N LEU A 29 2.32 12.45 13.20
CA LEU A 29 3.50 13.03 13.89
C LEU A 29 3.31 13.00 15.39
N GLU A 30 2.11 13.20 15.89
CA GLU A 30 1.83 13.02 17.33
C GLU A 30 2.10 11.65 17.90
N SER A 31 1.80 10.57 17.17
CA SER A 31 2.10 9.26 17.68
C SER A 31 3.56 9.11 18.02
N TYR A 32 4.46 9.92 17.42
CA TYR A 32 5.86 9.85 17.74
C TYR A 32 6.15 10.67 19.04
N ILE A 33 5.38 11.70 19.29
CA ILE A 33 5.73 12.54 20.44
C ILE A 33 4.59 12.90 21.37
N ASP A 34 3.42 12.29 21.22
CA ASP A 34 2.21 12.68 21.99
C ASP A 34 1.62 13.95 21.44
N ILE B 1 -11.22 0.23 2.62
CA ILE B 1 -10.85 0.93 3.92
C ILE B 1 -12.08 1.14 4.78
N VAL B 2 -12.05 0.64 6.02
CA VAL B 2 -13.17 0.73 6.96
C VAL B 2 -12.88 1.85 7.95
N GLU B 3 -13.87 2.71 8.17
CA GLU B 3 -13.78 3.81 9.08
C GLU B 3 -12.67 4.80 8.77
N GLY B 4 -12.43 4.98 7.51
CA GLY B 4 -11.54 6.01 7.02
C GLY B 4 -12.33 7.20 6.55
N SER B 5 -11.64 8.04 5.75
CA SER B 5 -12.33 9.14 5.14
C SER B 5 -11.88 9.37 3.71
N ASP B 6 -12.54 10.27 3.00
CA ASP B 6 -12.11 10.57 1.60
C ASP B 6 -10.71 11.22 1.58
N ALA B 7 -9.82 10.70 0.75
CA ALA B 7 -8.50 11.27 0.54
C ALA B 7 -8.66 12.67 -0.08
N GLU B 8 -7.77 13.56 0.29
CA GLU B 8 -7.64 14.80 -0.37
C GLU B 8 -7.05 14.59 -1.71
N ILE B 9 -7.30 15.50 -2.62
CA ILE B 9 -6.54 15.47 -3.92
C ILE B 9 -5.05 15.59 -3.69
N GLY B 10 -4.33 14.68 -4.35
CA GLY B 10 -2.88 14.60 -4.30
C GLY B 10 -2.26 14.17 -2.96
N MET B 11 -3.11 13.67 -2.02
CA MET B 11 -2.66 13.28 -0.71
C MET B 11 -1.78 12.01 -0.74
N SER B 12 -1.99 11.19 -1.78
CA SER B 12 -1.35 9.86 -1.88
CA SER B 12 -1.34 9.87 -1.88
C SER B 12 -0.95 9.65 -3.35
N PRO B 13 0.00 10.51 -3.86
CA PRO B 13 0.20 10.51 -5.36
C PRO B 13 0.97 9.32 -5.86
N TRP B 14 1.40 8.43 -4.95
CA TRP B 14 1.99 7.16 -5.24
C TRP B 14 0.93 6.03 -5.26
N GLN B 15 -0.32 6.32 -5.01
CA GLN B 15 -1.38 5.31 -5.00
C GLN B 15 -1.62 4.93 -6.47
N VAL B 16 -1.63 3.63 -6.70
CA VAL B 16 -1.91 3.05 -8.01
C VAL B 16 -3.10 2.10 -7.95
N MET B 17 -3.89 2.10 -9.01
CA MET B 17 -5.01 1.18 -9.13
C MET B 17 -4.67 0.05 -10.11
N LEU B 18 -4.75 -1.19 -9.65
CA LEU B 18 -4.60 -2.36 -10.56
CA LEU B 18 -4.62 -2.39 -10.54
C LEU B 18 -5.97 -2.68 -11.10
N PHE B 19 -6.10 -2.67 -12.46
CA PHE B 19 -7.40 -2.70 -13.10
C PHE B 19 -7.32 -3.87 -14.12
N ARG B 20 -8.35 -4.69 -14.10
CA ARG B 20 -8.46 -5.75 -15.01
C ARG B 20 -9.00 -5.26 -16.36
N LYS B 21 -8.41 -5.78 -17.43
CA LYS B 21 -8.88 -5.44 -18.82
C LYS B 21 -10.28 -6.00 -19.14
N SER B 22 -10.53 -7.24 -18.76
CA SER B 22 -11.77 -7.89 -19.12
C SER B 22 -12.12 -9.01 -18.14
N PRO B 23 -13.22 -8.87 -17.37
CA PRO B 23 -14.07 -7.71 -17.28
C PRO B 23 -13.33 -6.51 -16.72
N GLN B 24 -13.86 -5.31 -16.98
CA GLN B 24 -13.27 -4.06 -16.58
C GLN B 24 -13.59 -3.82 -15.13
N GLU B 25 -12.62 -4.01 -14.24
CA GLU B 25 -12.88 -3.86 -12.82
C GLU B 25 -11.60 -3.62 -12.02
N LEU B 26 -11.76 -3.02 -10.87
CA LEU B 26 -10.66 -2.82 -9.93
C LEU B 26 -10.27 -4.17 -9.40
N LEU B 27 -8.97 -4.43 -9.32
CA LEU B 27 -8.47 -5.68 -8.74
C LEU B 27 -7.85 -5.42 -7.34
N CYS B 28 -7.07 -4.37 -7.23
CA CYS B 28 -6.29 -4.17 -6.02
C CYS B 28 -5.67 -2.77 -6.13
N GLY B 29 -5.10 -2.35 -5.03
CA GLY B 29 -4.14 -1.22 -5.05
C GLY B 29 -2.72 -1.63 -5.34
N ALA B 30 -1.85 -0.62 -5.34
CA ALA B 30 -0.47 -0.80 -5.71
C ALA B 30 0.22 0.58 -5.42
N SER B 31 1.52 0.64 -5.55
CA SER B 31 2.22 1.88 -5.31
C SER B 31 3.33 2.13 -6.30
N LEU B 32 3.50 3.42 -6.64
CA LEU B 32 4.52 3.91 -7.53
C LEU B 32 5.77 4.13 -6.81
N ILE B 33 6.80 3.36 -7.16
CA ILE B 33 8.11 3.49 -6.54
C ILE B 33 9.22 4.14 -7.42
N SER B 34 8.96 4.21 -8.74
CA SER B 34 9.86 4.95 -9.65
C SER B 34 8.96 5.24 -10.88
N ASP B 35 9.48 5.92 -11.91
CA ASP B 35 8.67 6.15 -13.05
C ASP B 35 8.34 4.95 -13.86
N ARG B 36 9.00 3.82 -13.61
CA ARG B 36 8.71 2.58 -14.35
C ARG B 36 8.24 1.37 -13.50
N TRP B 37 8.25 1.48 -12.14
CA TRP B 37 8.04 0.32 -11.30
C TRP B 37 6.93 0.59 -10.27
N VAL B 38 6.08 -0.41 -10.13
CA VAL B 38 4.89 -0.35 -9.33
C VAL B 38 4.99 -1.59 -8.43
N LEU B 39 4.75 -1.40 -7.14
CA LEU B 39 4.81 -2.50 -6.15
C LEU B 39 3.38 -2.83 -5.79
N THR B 40 3.08 -4.13 -5.54
CA THR B 40 1.82 -4.62 -5.14
C THR B 40 2.01 -5.87 -4.30
N ALA B 41 0.89 -6.43 -3.86
CA ALA B 41 0.80 -7.71 -3.25
C ALA B 41 0.74 -8.82 -4.29
N ALA B 42 1.55 -9.85 -4.04
CA ALA B 42 1.55 -11.00 -4.92
C ALA B 42 0.17 -11.59 -5.09
N HIS B 43 -0.64 -11.63 -4.06
CA HIS B 43 -1.92 -12.31 -4.06
C HIS B 43 -2.92 -11.65 -5.00
N CYS B 44 -2.63 -10.35 -5.35
CA CYS B 44 -3.45 -9.58 -6.27
C CYS B 44 -3.21 -10.22 -7.69
N LEU B 45 -2.13 -10.91 -7.95
CA LEU B 45 -1.79 -11.43 -9.25
C LEU B 45 -1.93 -12.96 -9.24
N LEU B 46 -1.60 -13.62 -8.11
CA LEU B 46 -1.56 -15.08 -8.08
C LEU B 46 -2.18 -15.57 -6.78
N TYR B 47 -3.30 -16.25 -6.87
CA TYR B 47 -3.88 -16.85 -5.70
C TYR B 47 -4.69 -18.08 -6.15
N PRO B 48 -4.00 -19.17 -6.31
CA PRO B 48 -4.71 -20.38 -6.91
C PRO B 48 -5.95 -20.87 -6.17
N PRO B 49 -6.02 -20.70 -4.85
CA PRO B 49 -7.27 -21.14 -4.23
C PRO B 49 -8.57 -20.42 -4.71
N TRP B 50 -8.39 -19.21 -5.23
CA TRP B 50 -9.51 -18.45 -5.81
C TRP B 50 -9.50 -18.46 -7.32
N ASP B 51 -8.69 -19.35 -7.84
CA ASP B 51 -8.46 -19.52 -9.30
C ASP B 51 -7.99 -18.18 -9.89
N LYS B 52 -7.14 -17.49 -9.15
CA LYS B 52 -6.58 -16.26 -9.65
C LYS B 52 -5.17 -16.40 -10.15
N ASN B 53 -4.94 -15.98 -11.41
CA ASN B 53 -3.66 -16.10 -11.94
C ASN B 53 -3.54 -15.14 -13.13
N PHE B 54 -3.11 -13.91 -12.85
CA PHE B 54 -3.04 -12.90 -13.95
C PHE B 54 -1.67 -12.78 -14.58
N THR B 55 -1.63 -12.46 -15.87
CA THR B 55 -0.42 -12.21 -16.64
C THR B 55 -0.39 -10.67 -16.88
N GLU B 56 0.78 -10.22 -17.32
CA GLU B 56 0.97 -8.81 -17.61
CA GLU B 56 1.03 -8.85 -17.71
C GLU B 56 -0.08 -8.30 -18.59
N ASN B 57 -0.53 -9.15 -19.54
CA ASN B 57 -1.55 -8.74 -20.46
C ASN B 57 -2.99 -8.77 -20.09
N ASP B 58 -3.29 -9.24 -18.86
CA ASP B 58 -4.62 -9.15 -18.30
C ASP B 58 -4.98 -7.89 -17.55
N LEU B 59 -3.97 -7.05 -17.33
CA LEU B 59 -4.01 -5.96 -16.35
C LEU B 59 -3.59 -4.61 -16.96
N LEU B 60 -4.09 -3.52 -16.41
CA LEU B 60 -3.55 -2.20 -16.61
C LEU B 60 -3.30 -1.62 -15.21
N VAL B 61 -2.42 -0.65 -15.14
CA VAL B 61 -2.40 0.16 -13.92
C VAL B 61 -2.86 1.57 -14.21
N ARG B 62 -3.52 2.12 -13.22
CA ARG B 62 -4.13 3.44 -13.37
C ARG B 62 -3.48 4.30 -12.30
N ILE B 63 -2.80 5.35 -12.70
CA ILE B 63 -1.88 6.09 -11.82
C ILE B 63 -2.47 7.53 -11.79
N GLY B 64 -2.46 8.14 -10.62
CA GLY B 64 -3.01 9.53 -10.47
C GLY B 64 -4.45 9.70 -10.11
N LYS B 65 -5.13 8.64 -9.66
CA LYS B 65 -6.55 8.67 -9.58
C LYS B 65 -7.05 9.10 -8.19
N HIS B 66 -8.28 9.54 -8.19
CA HIS B 66 -9.03 9.85 -7.01
C HIS B 66 -10.37 9.12 -7.03
N SER B 67 -11.18 9.39 -8.04
CA SER B 67 -12.43 8.66 -8.26
C SER B 67 -12.12 7.18 -8.44
N ARG B 68 -12.94 6.33 -7.84
CA ARG B 68 -12.83 4.87 -8.03
C ARG B 68 -13.12 4.47 -9.48
N THR B 69 -14.13 5.10 -10.10
CA THR B 69 -14.72 4.53 -11.29
C THR B 69 -14.57 5.40 -12.51
N ARG B 70 -14.53 6.70 -12.34
CA ARG B 70 -14.60 7.58 -13.52
C ARG B 70 -13.22 7.81 -14.09
N TYR B 71 -13.14 7.91 -15.41
CA TYR B 71 -11.86 8.18 -16.09
C TYR B 71 -11.52 9.66 -15.91
N GLU B 72 -10.42 9.96 -15.19
CA GLU B 72 -10.05 11.35 -14.79
C GLU B 72 -9.09 11.93 -15.85
N ARG B 73 -9.77 12.38 -16.91
CA ARG B 73 -9.12 12.78 -18.09
C ARG B 73 -8.06 13.86 -17.85
N ASN B 74 -6.87 13.66 -18.43
CA ASN B 74 -5.70 14.52 -18.30
C ASN B 74 -5.10 14.55 -16.92
N ILE B 75 -5.63 13.72 -16.00
CA ILE B 75 -5.06 13.61 -14.67
C ILE B 75 -4.46 12.21 -14.49
N GLU B 76 -5.32 11.19 -14.69
CA GLU B 76 -4.77 9.81 -14.51
C GLU B 76 -3.98 9.39 -15.73
N LYS B 77 -3.06 8.45 -15.55
CA LYS B 77 -2.31 7.80 -16.64
C LYS B 77 -2.58 6.28 -16.55
N ILE B 78 -2.96 5.71 -17.68
CA ILE B 78 -3.24 4.28 -17.78
C ILE B 78 -2.00 3.66 -18.48
N SER B 79 -1.34 2.73 -17.80
CA SER B 79 -0.10 2.15 -18.32
C SER B 79 -0.28 0.65 -18.52
N MET B 80 0.26 0.12 -19.62
CA MET B 80 0.29 -1.28 -19.80
CA MET B 80 0.42 -1.29 -19.82
C MET B 80 1.59 -1.79 -19.05
N LEU B 81 1.54 -3.06 -18.67
CA LEU B 81 2.65 -3.73 -18.03
C LEU B 81 3.55 -4.48 -19.05
N GLU B 82 4.83 -4.23 -18.91
CA GLU B 82 5.87 -5.00 -19.61
CA GLU B 82 5.84 -5.01 -19.64
C GLU B 82 5.99 -6.41 -19.03
N LYS B 83 6.13 -6.50 -17.70
CA LYS B 83 6.49 -7.75 -17.06
C LYS B 83 6.05 -7.67 -15.60
N ILE B 84 5.61 -8.81 -15.07
CA ILE B 84 5.35 -8.95 -13.63
C ILE B 84 6.35 -9.85 -12.95
N TYR B 85 6.73 -9.53 -11.71
CA TYR B 85 7.76 -10.27 -10.98
C TYR B 85 7.15 -10.59 -9.60
N ILE B 86 6.83 -11.87 -9.34
CA ILE B 86 6.27 -12.34 -8.06
C ILE B 86 7.40 -12.90 -7.23
N HIS B 87 7.50 -12.57 -5.93
CA HIS B 87 8.54 -13.15 -5.10
C HIS B 87 8.57 -14.70 -5.29
N PRO B 88 9.78 -15.23 -5.55
CA PRO B 88 9.90 -16.67 -5.73
C PRO B 88 9.49 -17.50 -4.51
N ARG B 89 9.58 -16.91 -3.32
CA ARG B 89 9.12 -17.58 -2.12
C ARG B 89 7.86 -17.07 -1.51
N TYR B 90 7.02 -16.47 -2.35
CA TYR B 90 5.67 -16.13 -1.98
C TYR B 90 4.90 -17.34 -1.59
N ASN B 91 4.40 -17.38 -0.36
CA ASN B 91 3.74 -18.60 0.14
C ASN B 91 2.24 -18.53 0.18
N TRP B 92 1.60 -18.75 -0.96
CA TRP B 92 0.19 -18.59 -1.02
C TRP B 92 -0.55 -19.78 -0.32
N ARG B 93 0.14 -20.91 -0.14
CA ARG B 93 -0.54 -22.12 0.38
C ARG B 93 -0.79 -21.96 1.86
N GLU B 94 0.19 -21.44 2.56
CA GLU B 94 0.00 -21.35 3.98
C GLU B 94 -0.50 -20.00 4.55
N ASN B 95 0.25 -18.94 4.37
CA ASN B 95 -0.01 -17.73 5.16
C ASN B 95 0.28 -16.41 4.45
N LEU B 96 0.39 -16.48 3.14
CA LEU B 96 0.75 -15.37 2.31
C LEU B 96 2.09 -14.76 2.70
N ASP B 97 3.00 -15.56 3.19
CA ASP B 97 4.37 -15.06 3.40
C ASP B 97 5.00 -14.47 2.15
N ARG B 98 5.60 -13.26 2.23
CA ARG B 98 6.28 -12.58 1.15
C ARG B 98 5.24 -12.25 0.09
N ASP B 99 4.16 -11.60 0.56
CA ASP B 99 3.06 -11.19 -0.31
C ASP B 99 3.50 -9.93 -1.01
N ILE B 100 4.28 -10.10 -2.06
CA ILE B 100 4.92 -8.97 -2.72
C ILE B 100 5.17 -9.28 -4.19
N ALA B 101 5.00 -8.26 -5.03
CA ALA B 101 5.22 -8.42 -6.51
C ALA B 101 5.58 -7.04 -7.05
N LEU B 102 6.36 -7.03 -8.12
CA LEU B 102 6.77 -5.85 -8.85
C LEU B 102 6.22 -5.91 -10.27
N MET B 103 5.79 -4.75 -10.75
CA MET B 103 5.27 -4.66 -12.06
C MET B 103 6.02 -3.55 -12.78
N LYS B 104 6.58 -3.90 -13.94
CA LYS B 104 7.42 -3.00 -14.76
C LYS B 104 6.52 -2.46 -15.85
N LEU B 105 6.39 -1.15 -15.92
CA LEU B 105 5.56 -0.53 -16.87
C LEU B 105 6.26 -0.57 -18.28
N LYS B 106 5.46 -0.64 -19.32
CA LYS B 106 6.07 -0.59 -20.68
C LYS B 106 6.79 0.72 -20.95
N LYS B 107 6.20 1.80 -20.47
CA LYS B 107 6.78 3.10 -20.67
C LYS B 107 6.85 3.86 -19.37
N PRO B 108 7.88 4.64 -19.18
CA PRO B 108 7.81 5.41 -17.90
C PRO B 108 6.70 6.47 -17.82
N VAL B 109 6.20 6.69 -16.61
CA VAL B 109 5.17 7.66 -16.42
C VAL B 109 5.76 9.03 -16.03
N ALA B 110 5.14 10.10 -16.55
CA ALA B 110 5.56 11.46 -16.20
C ALA B 110 4.94 11.80 -14.83
N PHE B 111 5.80 12.31 -13.90
CA PHE B 111 5.29 12.74 -12.58
C PHE B 111 4.50 14.04 -12.75
N SER B 112 3.63 14.33 -11.81
CA SER B 112 2.65 15.44 -11.85
C SER B 112 2.25 15.76 -10.44
N ASP B 113 1.38 16.75 -10.24
CA ASP B 113 0.86 17.03 -8.91
C ASP B 113 0.10 15.78 -8.38
N TYR B 114 -0.29 14.90 -9.27
CA TYR B 114 -1.16 13.74 -8.89
C TYR B 114 -0.42 12.43 -8.90
N ILE B 115 0.79 12.41 -9.45
CA ILE B 115 1.58 11.19 -9.67
C ILE B 115 2.99 11.41 -9.22
N HIS B 116 3.45 10.68 -8.20
CA HIS B 116 4.74 10.94 -7.56
C HIS B 116 5.12 9.72 -6.74
N PRO B 117 6.33 9.27 -6.84
CA PRO B 117 6.72 8.04 -6.17
C PRO B 117 6.91 8.22 -4.66
N VAL B 118 6.59 7.16 -3.94
CA VAL B 118 6.90 7.08 -2.49
C VAL B 118 8.33 6.56 -2.24
N CYS B 119 8.95 6.89 -1.11
CA CYS B 119 10.25 6.33 -0.80
C CYS B 119 10.14 4.90 -0.27
N LEU B 120 11.16 4.09 -0.50
CA LEU B 120 11.26 2.80 0.16
C LEU B 120 12.19 2.99 1.34
N PRO B 121 11.95 2.34 2.47
CA PRO B 121 12.77 2.65 3.62
C PRO B 121 14.10 1.92 3.59
N ASP B 122 15.09 2.57 4.18
CA ASP B 122 16.35 1.87 4.52
C ASP B 122 16.36 1.41 5.96
N ARG B 123 17.46 0.76 6.38
CA ARG B 123 17.60 0.17 7.70
CA ARG B 123 17.52 0.18 7.72
C ARG B 123 17.38 1.25 8.79
N GLU B 124 17.95 2.43 8.60
CA GLU B 124 17.86 3.52 9.58
CA GLU B 124 17.87 3.48 9.62
C GLU B 124 16.40 3.97 9.71
N THR B 125 15.77 4.16 8.55
CA THR B 125 14.41 4.64 8.59
C THR B 125 13.41 3.62 9.14
N ALA B 126 13.56 2.33 8.77
CA ALA B 126 12.72 1.27 9.34
C ALA B 126 12.87 1.08 10.87
N ALA B 127 14.11 1.08 11.37
CA ALA B 127 14.37 1.00 12.84
C ALA B 127 13.75 2.11 13.62
N SER B 128 13.84 3.28 13.07
CA SER B 128 13.34 4.43 13.69
C SER B 128 11.81 4.46 13.72
N LEU B 129 11.18 4.19 12.58
CA LEU B 129 9.72 4.47 12.49
C LEU B 129 8.79 3.25 12.69
N LEU B 130 9.29 2.06 12.35
CA LEU B 130 8.50 0.85 12.48
C LEU B 130 8.51 0.27 13.89
N GLN B 131 7.78 0.91 14.76
CA GLN B 131 7.70 0.65 16.24
C GLN B 131 6.25 0.62 16.67
N ALA B 132 5.91 -0.30 17.53
CA ALA B 132 4.61 -0.40 18.08
C ALA B 132 4.14 0.91 18.66
N GLY B 133 2.95 1.32 18.32
CA GLY B 133 2.33 2.51 18.77
C GLY B 133 2.54 3.71 17.89
N TYR B 134 3.53 3.69 17.04
CA TYR B 134 3.61 4.75 16.01
C TYR B 134 2.57 4.43 14.88
N LYS B 135 2.05 5.45 14.31
CA LYS B 135 1.04 5.36 13.30
C LYS B 135 1.54 5.58 11.89
N GLY B 136 0.94 4.77 11.02
CA GLY B 136 1.12 4.94 9.56
C GLY B 136 -0.23 5.16 8.94
N ARG B 137 -0.26 5.14 7.61
CA ARG B 137 -1.43 5.48 6.90
C ARG B 137 -1.63 4.49 5.74
N VAL B 138 -2.89 4.07 5.56
CA VAL B 138 -3.23 3.16 4.47
CA VAL B 138 -3.24 3.12 4.52
C VAL B 138 -4.31 3.79 3.65
N THR B 139 -4.26 3.47 2.34
CA THR B 139 -5.13 4.03 1.35
C THR B 139 -5.66 2.95 0.40
N GLY B 140 -6.89 3.17 -0.10
CA GLY B 140 -7.48 2.29 -1.10
C GLY B 140 -8.89 2.58 -1.44
N TRP B 141 -9.31 1.86 -2.48
CA TRP B 141 -10.64 1.86 -2.97
C TRP B 141 -11.41 0.60 -2.63
N GLY B 142 -10.89 -0.19 -1.70
CA GLY B 142 -11.54 -1.43 -1.27
C GLY B 142 -12.75 -1.19 -0.45
N ASN B 143 -13.32 -2.30 0.05
CA ASN B 143 -14.59 -2.19 0.70
C ASN B 143 -14.58 -1.35 2.00
N LEU B 144 -15.73 -0.69 2.20
CA LEU B 144 -16.00 0.20 3.34
C LEU B 144 -16.41 -0.58 4.57
N LYS B 145 -16.76 -1.85 4.36
CA LYS B 145 -17.20 -2.77 5.45
C LYS B 145 -16.95 -4.19 5.00
N GLU B 146 -16.95 -5.15 5.91
CA GLU B 146 -16.86 -6.54 5.55
C GLU B 146 -18.07 -6.90 4.68
N THR B 147 -17.87 -7.45 3.46
CA THR B 147 -19.00 -7.78 2.58
C THR B 147 -18.73 -9.13 1.91
N GLN B 156 -17.26 -0.21 -3.19
CA GLN B 156 -17.93 0.54 -2.13
C GLN B 156 -17.68 2.07 -2.21
N PRO B 157 -16.44 2.62 -2.01
CA PRO B 157 -16.37 4.13 -2.00
C PRO B 157 -16.41 4.82 -3.33
N SER B 158 -16.84 6.06 -3.38
CA SER B 158 -16.80 6.77 -4.67
C SER B 158 -15.38 7.30 -4.94
N VAL B 159 -14.59 7.54 -3.88
CA VAL B 159 -13.27 8.07 -4.06
C VAL B 159 -12.33 7.36 -3.12
N LEU B 160 -11.03 7.56 -3.37
CA LEU B 160 -9.96 6.92 -2.64
C LEU B 160 -10.14 7.22 -1.16
N GLN B 161 -9.93 6.19 -0.32
CA GLN B 161 -10.10 6.35 1.09
C GLN B 161 -8.78 6.32 1.78
N VAL B 162 -8.68 6.97 2.95
CA VAL B 162 -7.50 6.98 3.80
C VAL B 162 -7.90 6.69 5.30
N VAL B 163 -6.97 5.99 6.00
CA VAL B 163 -7.10 5.86 7.44
C VAL B 163 -5.71 5.76 8.02
N ASN B 164 -5.55 6.34 9.20
CA ASN B 164 -4.32 6.24 9.92
C ASN B 164 -4.42 5.17 11.06
N LEU B 165 -3.41 4.32 11.22
CA LEU B 165 -3.47 3.20 12.14
C LEU B 165 -2.12 2.98 12.82
N PRO B 166 -2.14 2.59 14.10
CA PRO B 166 -0.95 2.29 14.83
C PRO B 166 -0.42 0.92 14.58
N ILE B 167 0.90 0.87 14.40
CA ILE B 167 1.62 -0.40 14.41
C ILE B 167 1.43 -1.13 15.71
N VAL B 168 1.18 -2.44 15.63
CA VAL B 168 0.96 -3.27 16.83
C VAL B 168 2.15 -4.18 17.08
N GLU B 169 2.53 -4.35 18.38
CA GLU B 169 3.61 -5.20 18.69
C GLU B 169 3.41 -6.70 18.27
N ARG B 170 4.51 -7.34 17.90
CA ARG B 170 4.50 -8.67 17.30
C ARG B 170 3.73 -9.70 18.14
N PRO B 171 3.96 -9.71 19.48
CA PRO B 171 3.13 -10.60 20.28
C PRO B 171 1.68 -10.56 20.19
N VAL B 172 1.04 -9.39 20.13
CA VAL B 172 -0.34 -9.18 20.03
C VAL B 172 -0.83 -9.68 18.60
N CYS B 173 -0.08 -9.25 17.59
CA CYS B 173 -0.34 -9.73 16.22
C CYS B 173 -0.41 -11.29 16.23
N LYS B 174 0.66 -11.92 16.73
CA LYS B 174 0.80 -13.36 16.73
C LYS B 174 -0.37 -13.98 17.49
N ASP B 175 -0.78 -13.37 18.60
CA ASP B 175 -1.84 -13.97 19.42
C ASP B 175 -3.22 -13.74 18.90
N SER B 176 -3.41 -12.82 17.94
CA SER B 176 -4.71 -12.43 17.48
C SER B 176 -5.27 -13.36 16.42
N THR B 177 -4.40 -14.25 15.93
CA THR B 177 -4.68 -15.11 14.73
C THR B 177 -4.08 -16.53 14.89
N ARG B 178 -4.74 -17.51 14.26
CA ARG B 178 -4.12 -18.84 14.14
C ARG B 178 -3.25 -19.02 12.91
N ILE B 179 -3.24 -18.00 12.04
CA ILE B 179 -2.32 -18.04 10.94
C ILE B 179 -0.88 -17.81 11.40
N ARG B 180 0.06 -18.51 10.82
CA ARG B 180 1.40 -18.38 11.23
C ARG B 180 1.97 -17.03 10.68
N ILE B 181 2.38 -16.13 11.58
CA ILE B 181 2.99 -14.82 11.24
C ILE B 181 4.43 -15.05 11.06
N THR B 182 5.07 -14.25 10.22
CA THR B 182 6.47 -14.30 9.97
C THR B 182 7.10 -12.93 10.09
N ASP B 183 8.42 -12.88 10.06
CA ASP B 183 9.07 -11.62 10.09
C ASP B 183 8.90 -10.81 8.82
N ASN B 184 8.32 -11.38 7.78
CA ASN B 184 8.00 -10.58 6.58
C ASN B 184 6.63 -9.95 6.63
N MET B 185 6.05 -9.85 7.83
CA MET B 185 4.73 -9.28 8.02
C MET B 185 4.81 -8.41 9.27
N PHE B 186 3.99 -7.35 9.30
CA PHE B 186 3.60 -6.68 10.53
C PHE B 186 2.11 -6.52 10.55
N CYS B 187 1.54 -6.17 11.69
CA CYS B 187 0.16 -5.87 11.81
C CYS B 187 -0.06 -4.46 12.42
N ALA B 188 -1.19 -3.96 12.16
CA ALA B 188 -1.59 -2.59 12.56
C ALA B 188 -3.02 -2.50 12.79
N GLY B 189 -3.45 -1.54 13.61
CA GLY B 189 -4.82 -1.40 13.98
C GLY B 189 -4.96 -1.07 15.49
N TYR B 190 -6.09 -0.51 15.83
CA TYR B 190 -6.40 -0.21 17.20
C TYR B 190 -6.80 -1.47 17.93
N LYS B 191 -6.33 -1.52 19.18
CA LYS B 191 -6.86 -2.49 20.16
C LYS B 191 -8.28 -2.20 20.50
N PRO B 192 -8.98 -3.27 20.99
CA PRO B 192 -10.42 -3.23 21.06
C PRO B 192 -10.98 -2.09 21.80
N ASP B 193 -10.31 -1.57 22.86
CA ASP B 193 -10.93 -0.53 23.68
C ASP B 193 -10.04 0.74 23.66
N GLU B 194 -9.38 0.98 22.52
CA GLU B 194 -8.32 1.96 22.44
C GLU B 194 -8.87 3.30 22.11
N GLY B 195 -10.12 3.38 21.65
CA GLY B 195 -10.83 4.65 21.40
C GLY B 195 -11.08 5.07 19.98
N LYS B 196 -10.43 4.38 19.03
CA LYS B 196 -10.61 4.60 17.61
C LYS B 196 -10.70 3.23 16.94
N ARG B 197 -11.13 3.27 15.68
CA ARG B 197 -11.19 2.04 14.91
C ARG B 197 -10.63 2.28 13.52
N GLY B 198 -10.74 1.25 12.69
CA GLY B 198 -10.27 1.39 11.32
C GLY B 198 -9.46 0.24 10.82
N ASP B 199 -9.47 0.01 9.50
CA ASP B 199 -8.74 -1.12 8.93
C ASP B 199 -8.78 -1.00 7.39
N ALA B 200 -7.86 -1.71 6.77
CA ALA B 200 -7.98 -2.08 5.34
C ALA B 200 -8.96 -3.24 5.22
N CYS B 201 -9.33 -3.56 4.01
CA CYS B 201 -10.35 -4.55 3.80
C CYS B 201 -10.12 -5.15 2.42
N GLU B 202 -10.96 -6.10 2.05
CA GLU B 202 -10.88 -6.59 0.66
C GLU B 202 -10.92 -5.50 -0.36
N GLY B 203 -10.08 -5.66 -1.40
CA GLY B 203 -9.92 -4.64 -2.45
C GLY B 203 -8.81 -3.65 -2.18
N ASP B 204 -8.29 -3.62 -0.95
CA ASP B 204 -7.19 -2.67 -0.62
C ASP B 204 -5.86 -3.30 -0.73
N SER B 205 -5.77 -4.63 -0.94
CA SER B 205 -4.49 -5.28 -1.08
C SER B 205 -3.62 -4.62 -2.12
N GLY B 206 -2.36 -4.56 -1.79
CA GLY B 206 -1.24 -3.98 -2.60
C GLY B 206 -1.09 -2.49 -2.35
N GLY B 207 -2.09 -1.87 -1.73
CA GLY B 207 -1.95 -0.47 -1.35
C GLY B 207 -0.90 -0.29 -0.29
N PRO B 208 -0.33 0.90 -0.19
CA PRO B 208 0.75 1.15 0.69
C PRO B 208 0.34 1.54 2.11
N PHE B 209 1.13 1.03 3.07
CA PHE B 209 1.13 1.56 4.45
C PHE B 209 2.36 2.42 4.56
N VAL B 210 2.11 3.70 4.70
CA VAL B 210 3.15 4.74 4.66
C VAL B 210 3.33 5.38 5.99
N MET B 211 4.52 5.98 6.20
CA MET B 211 4.80 6.73 7.46
C MET B 211 5.60 7.91 6.97
N LYS B 212 5.32 9.06 7.62
CA LYS B 212 6.02 10.31 7.36
C LYS B 212 7.18 10.43 8.30
N SER B 213 8.35 10.63 7.73
CA SER B 213 9.50 10.90 8.61
C SER B 213 9.48 12.29 9.17
N PRO B 214 9.53 12.41 10.52
CA PRO B 214 9.56 13.72 11.11
C PRO B 214 10.97 14.38 10.94
N PHE B 215 11.98 13.66 10.49
CA PHE B 215 13.35 14.17 10.30
C PHE B 215 13.66 14.70 8.92
N ASN B 216 13.03 14.18 7.86
CA ASN B 216 13.19 14.81 6.56
C ASN B 216 11.92 15.09 5.75
N ASN B 217 10.78 14.96 6.40
CA ASN B 217 9.48 15.31 5.87
C ASN B 217 9.03 14.34 4.72
N ARG B 218 9.75 13.26 4.49
CA ARG B 218 9.36 12.40 3.37
C ARG B 218 8.49 11.22 3.80
N TRP B 219 7.67 10.79 2.86
CA TRP B 219 6.83 9.57 3.07
C TRP B 219 7.58 8.35 2.65
N TYR B 220 7.53 7.33 3.49
CA TYR B 220 8.17 6.02 3.25
C TYR B 220 7.13 4.90 3.26
N GLN B 221 7.20 4.01 2.26
CA GLN B 221 6.29 2.87 2.30
C GLN B 221 6.87 1.72 3.11
N MET B 222 6.31 1.50 4.30
CA MET B 222 6.75 0.47 5.24
C MET B 222 6.07 -0.89 5.00
N GLY B 223 4.86 -0.85 4.41
CA GLY B 223 4.04 -2.06 4.32
C GLY B 223 3.25 -2.11 3.00
N ILE B 224 2.77 -3.31 2.69
CA ILE B 224 1.75 -3.53 1.66
C ILE B 224 0.55 -4.14 2.26
N VAL B 225 -0.64 -3.62 2.00
CA VAL B 225 -1.88 -4.29 2.49
C VAL B 225 -1.80 -5.74 2.00
N SER B 226 -1.84 -6.69 2.89
CA SER B 226 -1.75 -8.08 2.54
C SER B 226 -2.93 -8.92 2.94
N TRP B 227 -3.39 -8.92 4.22
CA TRP B 227 -4.42 -9.89 4.63
C TRP B 227 -5.07 -9.48 5.93
N GLY B 228 -6.19 -10.11 6.27
CA GLY B 228 -6.83 -9.91 7.57
C GLY B 228 -7.80 -11.04 7.76
N GLU B 229 -8.61 -10.92 8.79
CA GLU B 229 -9.72 -11.89 8.95
C GLU B 229 -10.92 -11.08 9.27
N GLY B 230 -11.77 -10.93 8.29
CA GLY B 230 -12.80 -9.95 8.27
C GLY B 230 -12.15 -8.58 8.14
N CYS B 231 -12.90 -7.54 8.44
CA CYS B 231 -12.39 -6.12 8.43
C CYS B 231 -12.89 -5.34 9.63
N ASP B 232 -11.93 -4.68 10.28
CA ASP B 232 -12.24 -3.81 11.40
C ASP B 232 -12.87 -4.62 12.56
N ARG B 233 -12.49 -5.87 12.73
CA ARG B 233 -13.07 -6.67 13.87
C ARG B 233 -12.32 -6.36 15.15
N ASP B 234 -13.02 -6.42 16.28
CA ASP B 234 -12.40 -6.18 17.58
C ASP B 234 -11.48 -7.35 17.90
N GLY B 235 -10.25 -7.02 18.22
CA GLY B 235 -9.32 -8.03 18.55
C GLY B 235 -8.58 -8.68 17.39
N LYS B 236 -8.85 -8.17 16.18
CA LYS B 236 -8.15 -8.60 15.01
C LYS B 236 -7.41 -7.37 14.48
N TYR B 237 -6.38 -7.67 13.70
CA TYR B 237 -5.52 -6.60 13.14
C TYR B 237 -5.29 -6.85 11.66
N GLY B 238 -5.07 -5.78 10.92
CA GLY B 238 -4.66 -5.89 9.50
C GLY B 238 -3.27 -6.34 9.45
N PHE B 239 -2.87 -7.20 8.44
CA PHE B 239 -1.54 -7.58 8.22
C PHE B 239 -1.01 -7.00 6.90
N TYR B 240 0.28 -6.73 6.95
CA TYR B 240 0.98 -5.97 5.91
C TYR B 240 2.25 -6.67 5.60
N THR B 241 2.65 -6.72 4.31
CA THR B 241 3.97 -7.16 3.96
C THR B 241 5.04 -6.17 4.41
N HIS B 242 6.09 -6.68 5.05
CA HIS B 242 7.11 -5.83 5.64
C HIS B 242 8.12 -5.47 4.53
N VAL B 243 7.93 -4.30 3.91
CA VAL B 243 8.74 -3.94 2.73
C VAL B 243 10.23 -3.95 2.98
N PHE B 244 10.67 -3.39 4.12
CA PHE B 244 12.08 -3.34 4.36
C PHE B 244 12.73 -4.72 4.36
N ARG B 245 12.02 -5.69 4.93
CA ARG B 245 12.60 -7.03 5.08
C ARG B 245 12.72 -7.72 3.71
N LEU B 246 11.98 -7.22 2.74
CA LEU B 246 12.02 -7.80 1.38
C LEU B 246 12.74 -6.88 0.40
N LYS B 247 13.47 -5.92 0.92
CA LYS B 247 13.98 -4.89 0.09
C LYS B 247 15.10 -5.39 -0.80
N LYS B 248 15.81 -6.41 -0.35
CA LYS B 248 16.88 -6.94 -1.18
C LYS B 248 16.37 -7.56 -2.49
N TRP B 249 15.29 -8.29 -2.36
CA TRP B 249 14.60 -8.83 -3.50
C TRP B 249 14.08 -7.71 -4.46
N ILE B 250 13.43 -6.66 -3.88
CA ILE B 250 13.01 -5.54 -4.69
C ILE B 250 14.24 -5.02 -5.52
N GLN B 251 15.33 -4.75 -4.82
CA GLN B 251 16.49 -4.12 -5.43
C GLN B 251 17.11 -5.00 -6.52
N LYS B 252 17.23 -6.28 -6.23
CA LYS B 252 17.66 -7.25 -7.22
C LYS B 252 16.82 -7.29 -8.52
N VAL B 253 15.50 -7.27 -8.43
CA VAL B 253 14.63 -7.29 -9.59
C VAL B 253 14.82 -6.00 -10.37
N ILE B 254 14.82 -4.85 -9.68
CA ILE B 254 14.89 -3.57 -10.38
C ILE B 254 16.25 -3.37 -11.06
N ASP B 255 17.30 -3.79 -10.37
CA ASP B 255 18.67 -3.66 -10.86
C ASP B 255 18.87 -4.60 -12.08
N GLN B 256 18.31 -5.80 -12.02
CA GLN B 256 18.48 -6.77 -13.09
C GLN B 256 17.59 -6.40 -14.24
N PHE B 257 16.28 -6.53 -14.04
CA PHE B 257 15.34 -6.34 -15.12
C PHE B 257 14.90 -4.90 -15.32
O5' 3DR C 12 -13.41 5.95 -24.49
P 3DR C 12 -13.85 6.16 -26.01
OP1 3DR C 12 -12.58 6.35 -26.78
OP2 3DR C 12 -14.82 5.04 -26.25
C2' 3DR C 12 -12.19 5.88 -20.61
C5' 3DR C 12 -12.66 4.76 -24.15
C4' 3DR C 12 -12.14 4.84 -22.73
O4' 3DR C 12 -10.99 5.71 -22.66
C1' 3DR C 12 -10.92 6.29 -21.35
C3' 3DR C 12 -13.11 5.41 -21.71
O3' 3DR C 12 -14.00 4.41 -21.25
N 0G6 D . -9.03 -13.40 4.82
CA 0G6 D . -7.93 -14.03 4.21
C 0G6 D . -7.19 -13.01 3.40
O 0G6 D . -6.94 -11.88 3.91
CB 0G6 D . -7.16 -14.64 5.36
CG 0G6 D . -6.02 -15.47 4.88
CD1 0G6 D . -6.24 -16.69 4.20
CD2 0G6 D . -4.75 -15.10 5.12
CE1 0G6 D . -5.11 -17.37 3.73
CE2 0G6 D . -3.64 -15.85 4.69
CZ 0G6 D . -3.83 -17.04 3.94
N1 0G6 D . -6.80 -13.34 2.17
CA1 0G6 D . -6.05 -12.34 1.40
C1 0G6 D . -6.87 -11.13 1.16
O1 0G6 D . -8.08 -11.23 0.95
CB1 0G6 D . -5.82 -13.04 0.04
CG1 0G6 D . -6.09 -14.52 0.32
CD 0G6 D . -7.07 -14.60 1.43
N2 0G6 D . -6.20 -9.93 1.15
CA2 0G6 D . -6.84 -8.72 0.78
C2 0G6 D . -6.34 -8.15 -0.61
O2 0G6 D . -7.32 -7.21 -1.09
CB2 0G6 D . -6.70 -7.63 1.88
CG2 0G6 D . -7.60 -7.94 3.03
CD3 0G6 D . -7.10 -7.07 4.20
NE 0G6 D . -7.91 -7.31 5.40
CZ1 0G6 D . -7.84 -6.59 6.53
NH1 0G6 D . -6.90 -5.62 6.66
NH2 0G6 D . -8.73 -6.83 7.50
C3 0G6 D . -6.01 -9.26 -1.71
K K E . -16.70 16.27 -18.97
C1 NAG F . -0.51 -19.36 -13.95
C2 NAG F . -0.08 -20.82 -13.62
C3 NAG F . 0.70 -21.56 -14.72
C4 NAG F . 0.67 -20.95 -16.15
C5 NAG F . 0.32 -19.46 -16.20
C6 NAG F . -0.05 -19.08 -17.62
C7 NAG F . 0.05 -21.43 -11.19
C8 NAG F . 0.86 -21.42 -9.94
N2 NAG F . 0.60 -20.89 -12.30
O3 NAG F . 0.17 -22.89 -14.78
O4 NAG F . 1.93 -21.08 -16.77
O5 NAG F . -0.78 -19.20 -15.35
O6 NAG F . -0.37 -17.69 -17.66
O7 NAG F . -1.09 -21.92 -11.14
NA NA G . -9.41 -4.63 14.79
#